data_9E31
#
_entry.id   9E31
#
_cell.length_a   66.030
_cell.length_b   66.030
_cell.length_c   88.810
_cell.angle_alpha   90.00
_cell.angle_beta   90.00
_cell.angle_gamma   120.00
#
_symmetry.space_group_name_H-M   'P 31'
#
loop_
_entity.id
_entity.type
_entity.pdbx_description
1 polymer 'Isoform Short of Probable global transcription activator SNF2L2'
2 non-polymer "(12'R)-4'-chloro-9'-(piperidin-4-yl)-5'H-spiro[cyclohexane-1,7'-indolo[1,2-a]quinazolin]-5'-one"
3 non-polymer 'ZINC ION'
4 non-polymer 'ACETATE ION'
5 water water
#
_entity_poly.entity_id   1
_entity_poly.type   'polypeptide(L)'
_entity_poly.pdbx_seq_one_letter_code
;SMAEKLSPNPPKLTKQMNAIIDTVINYKDSSGRQLSEVFIQLPSRKELPEYYELIRKPVDFKKIKERIRNHKYRSLGDLE
KDVMLLCHNAQTFNLEGSQIYEDSIVLQSVFKSARQKIAKEEE
;
_entity_poly.pdbx_strand_id   A,B,C
#
# COMPACT_ATOMS: atom_id res chain seq x y z
N LYS A 5 -37.34 -0.32 16.55
CA LYS A 5 -36.84 -1.42 17.41
C LYS A 5 -35.33 -1.29 17.56
N LEU A 6 -34.85 -0.96 18.77
CA LEU A 6 -33.43 -0.98 19.09
C LEU A 6 -32.96 -2.44 19.11
N SER A 7 -31.69 -2.66 18.74
CA SER A 7 -31.08 -3.98 18.80
C SER A 7 -29.56 -3.84 18.82
N PRO A 8 -28.83 -4.89 19.24
CA PRO A 8 -27.37 -4.87 19.25
C PRO A 8 -26.81 -4.75 17.84
N ASN A 9 -25.57 -4.26 17.72
CA ASN A 9 -24.85 -4.30 16.47
C ASN A 9 -24.60 -5.74 16.05
N PRO A 10 -25.02 -6.14 14.83
CA PRO A 10 -24.67 -7.45 14.28
C PRO A 10 -23.15 -7.57 14.28
N PRO A 11 -22.59 -8.76 14.60
CA PRO A 11 -21.15 -8.99 14.48
C PRO A 11 -20.59 -8.69 13.10
N LYS A 12 -21.39 -8.90 12.06
CA LYS A 12 -20.98 -8.57 10.71
C LYS A 12 -20.62 -7.09 10.62
N LEU A 13 -21.45 -6.24 11.24
CA LEU A 13 -21.27 -4.80 11.17
C LEU A 13 -20.02 -4.39 11.93
N THR A 14 -19.86 -4.96 13.14
CA THR A 14 -18.70 -4.63 13.96
C THR A 14 -17.40 -5.00 13.22
N LYS A 15 -17.40 -6.16 12.57
CA LYS A 15 -16.22 -6.64 11.85
C LYS A 15 -15.89 -5.70 10.70
N GLN A 16 -16.92 -5.24 9.98
CA GLN A 16 -16.71 -4.28 8.90
C GLN A 16 -16.08 -3.00 9.46
N MET A 17 -16.63 -2.47 10.55
CA MET A 17 -16.14 -1.22 11.13
C MET A 17 -14.65 -1.37 11.47
N ASN A 18 -14.29 -2.46 12.14
CA ASN A 18 -12.91 -2.74 12.49
C ASN A 18 -12.01 -2.89 11.27
N ALA A 19 -12.49 -3.52 10.18
CA ALA A 19 -11.69 -3.71 8.97
C ALA A 19 -11.45 -2.35 8.29
N ILE A 20 -12.48 -1.51 8.23
CA ILE A 20 -12.34 -0.18 7.65
C ILE A 20 -11.31 0.63 8.42
N ILE A 21 -11.43 0.68 9.74
CA ILE A 21 -10.50 1.47 10.52
C ILE A 21 -9.10 0.89 10.47
N ASP A 22 -8.98 -0.44 10.47
CA ASP A 22 -7.67 -1.05 10.36
C ASP A 22 -7.01 -0.65 9.04
N THR A 23 -7.80 -0.56 7.96
CA THR A 23 -7.28 -0.16 6.67
C THR A 23 -6.71 1.25 6.78
N VAL A 24 -7.46 2.15 7.42
CA VAL A 24 -7.04 3.53 7.56
C VAL A 24 -5.77 3.58 8.44
N ILE A 25 -5.76 2.84 9.56
CA ILE A 25 -4.63 2.93 10.48
C ILE A 25 -3.38 2.35 9.80
N ASN A 26 -3.52 1.25 9.05
CA ASN A 26 -2.38 0.55 8.50
C ASN A 26 -1.83 1.18 7.23
N TYR A 27 -2.53 2.17 6.66
CA TYR A 27 -2.18 2.72 5.37
C TYR A 27 -0.79 3.36 5.39
N LYS A 28 0.01 3.07 4.36
CA LYS A 28 1.29 3.70 4.15
C LYS A 28 1.33 4.36 2.77
N ASP A 29 1.91 5.55 2.72
CA ASP A 29 2.07 6.26 1.46
C ASP A 29 3.18 5.58 0.64
N SER A 30 3.62 6.24 -0.44
CA SER A 30 4.54 5.63 -1.37
C SER A 30 5.96 5.60 -0.81
N SER A 31 6.22 6.34 0.28
CA SER A 31 7.51 6.37 0.94
C SER A 31 7.53 5.43 2.12
N GLY A 32 6.42 4.72 2.32
CA GLY A 32 6.36 3.77 3.41
C GLY A 32 5.98 4.39 4.75
N ARG A 33 5.55 5.66 4.78
CA ARG A 33 5.18 6.33 6.03
C ARG A 33 3.73 6.00 6.40
N GLN A 34 3.52 5.57 7.65
CA GLN A 34 2.18 5.27 8.11
C GLN A 34 1.52 6.56 8.57
N LEU A 35 0.55 7.04 7.79
CA LEU A 35 0.08 8.41 7.97
C LEU A 35 -0.64 8.56 9.31
N SER A 36 -1.27 7.49 9.80
CA SER A 36 -2.11 7.52 10.99
C SER A 36 -1.30 7.74 12.28
N GLU A 37 0.02 7.59 12.23
CA GLU A 37 0.84 7.48 13.44
C GLU A 37 0.47 8.56 14.44
N VAL A 38 0.50 9.85 14.05
CA VAL A 38 0.35 10.91 15.07
C VAL A 38 -1.09 11.01 15.58
N PHE A 39 -2.03 10.46 14.79
CA PHE A 39 -3.45 10.56 15.05
C PHE A 39 -3.98 9.45 15.96
N ILE A 40 -3.15 8.46 16.32
CA ILE A 40 -3.64 7.36 17.13
C ILE A 40 -4.10 7.90 18.47
N GLN A 41 -3.35 8.86 19.01
CA GLN A 41 -3.57 9.38 20.35
C GLN A 41 -3.47 10.90 20.33
N LEU A 42 -4.48 11.55 20.92
CA LEU A 42 -4.50 12.99 21.12
C LEU A 42 -3.24 13.45 21.81
N PRO A 43 -2.87 14.74 21.71
CA PRO A 43 -1.83 15.29 22.57
C PRO A 43 -2.32 15.34 24.01
N SER A 44 -1.43 15.26 24.99
CA SER A 44 -1.87 15.29 26.37
C SER A 44 -2.39 16.70 26.69
N ARG A 45 -3.31 16.78 27.65
CA ARG A 45 -3.82 18.08 28.10
C ARG A 45 -2.67 18.96 28.60
N LYS A 46 -1.71 18.34 29.28
CA LYS A 46 -0.62 19.04 29.92
C LYS A 46 0.28 19.68 28.87
N GLU A 47 0.64 18.92 27.83
CA GLU A 47 1.57 19.41 26.83
C GLU A 47 0.89 20.34 25.81
N LEU A 48 -0.43 20.23 25.60
CA LEU A 48 -1.02 21.04 24.55
C LEU A 48 -2.44 21.41 24.91
N PRO A 49 -2.61 22.26 25.93
CA PRO A 49 -3.95 22.64 26.39
C PRO A 49 -4.72 23.45 25.35
N GLU A 50 -3.99 24.20 24.54
CA GLU A 50 -4.62 25.00 23.50
C GLU A 50 -5.41 24.12 22.54
N TYR A 51 -4.98 22.86 22.31
CA TYR A 51 -5.75 21.92 21.50
C TYR A 51 -7.17 21.74 22.06
N TYR A 52 -7.27 21.53 23.38
CA TYR A 52 -8.53 21.33 24.07
C TYR A 52 -9.31 22.64 24.19
N GLU A 53 -8.63 23.79 24.13
CA GLU A 53 -9.34 25.07 24.10
C GLU A 53 -9.95 25.36 22.72
N LEU A 54 -9.23 25.06 21.63
CA LEU A 54 -9.71 25.40 20.28
C LEU A 54 -10.65 24.35 19.69
N ILE A 55 -10.49 23.08 20.09
CA ILE A 55 -11.17 21.97 19.41
C ILE A 55 -12.37 21.52 20.24
N ARG A 56 -13.58 21.63 19.70
CA ARG A 56 -14.80 21.37 20.45
C ARG A 56 -14.90 19.92 20.88
N LYS A 57 -14.65 18.98 19.97
CA LYS A 57 -14.82 17.56 20.24
C LYS A 57 -13.56 16.82 19.78
N PRO A 58 -12.51 16.76 20.63
CA PRO A 58 -11.29 16.02 20.33
C PRO A 58 -11.59 14.54 20.14
N VAL A 59 -10.91 13.97 19.15
CA VAL A 59 -11.01 12.55 18.91
C VAL A 59 -9.73 12.07 18.25
N ASP A 60 -9.40 10.80 18.54
CA ASP A 60 -8.24 10.12 18.00
C ASP A 60 -8.66 8.71 17.58
N PHE A 61 -7.74 7.97 16.96
CA PHE A 61 -8.11 6.65 16.49
C PHE A 61 -8.28 5.68 17.67
N LYS A 62 -7.53 5.86 18.76
CA LYS A 62 -7.78 5.02 19.93
C LYS A 62 -9.25 5.11 20.37
N LYS A 63 -9.83 6.32 20.39
CA LYS A 63 -11.20 6.53 20.85
C LYS A 63 -12.18 5.93 19.85
N ILE A 64 -11.85 5.98 18.56
CA ILE A 64 -12.73 5.46 17.52
C ILE A 64 -12.83 3.94 17.67
N LYS A 65 -11.68 3.28 17.91
CA LYS A 65 -11.68 1.84 18.12
C LYS A 65 -12.50 1.45 19.34
N GLU A 66 -12.37 2.24 20.41
CA GLU A 66 -13.12 2.02 21.65
C GLU A 66 -14.63 2.17 21.40
N ARG A 67 -15.03 3.10 20.51
CA ARG A 67 -16.44 3.35 20.25
C ARG A 67 -17.01 2.22 19.40
N ILE A 68 -16.16 1.61 18.57
CA ILE A 68 -16.58 0.40 17.88
C ILE A 68 -16.81 -0.72 18.89
N ARG A 69 -15.82 -0.95 19.76
CA ARG A 69 -15.83 -2.05 20.71
C ARG A 69 -17.04 -1.92 21.64
N ASN A 70 -17.39 -0.68 22.02
CA ASN A 70 -18.49 -0.40 22.94
C ASN A 70 -19.81 -0.15 22.18
N HIS A 71 -19.80 -0.37 20.86
CA HIS A 71 -21.02 -0.39 20.07
C HIS A 71 -21.71 0.96 20.12
N LYS A 72 -20.92 2.03 20.13
CA LYS A 72 -21.48 3.38 20.14
C LYS A 72 -21.85 3.82 18.74
N TYR A 73 -21.12 3.35 17.72
CA TYR A 73 -21.57 3.54 16.36
C TYR A 73 -22.62 2.49 16.04
N ARG A 74 -23.76 2.91 15.45
CA ARG A 74 -24.84 2.01 15.10
C ARG A 74 -24.93 1.75 13.59
N SER A 75 -24.01 2.33 12.81
CA SER A 75 -24.02 2.34 11.36
C SER A 75 -22.62 2.74 10.86
N LEU A 76 -22.35 2.45 9.58
CA LEU A 76 -21.10 2.89 8.98
C LEU A 76 -21.09 4.41 8.90
N GLY A 77 -22.28 5.04 8.77
CA GLY A 77 -22.39 6.48 8.74
C GLY A 77 -21.96 7.13 10.07
N ASP A 78 -22.31 6.50 11.20
CA ASP A 78 -21.87 6.98 12.51
C ASP A 78 -20.34 6.97 12.58
N LEU A 79 -19.75 5.86 12.12
CA LEU A 79 -18.30 5.69 12.14
C LEU A 79 -17.65 6.76 11.27
N GLU A 80 -18.18 6.94 10.05
CA GLU A 80 -17.69 7.95 9.13
C GLU A 80 -17.70 9.34 9.79
N LYS A 81 -18.78 9.69 10.47
CA LYS A 81 -18.89 10.98 11.10
C LYS A 81 -17.72 11.23 12.04
N ASP A 82 -17.34 10.23 12.84
CA ASP A 82 -16.24 10.39 13.78
C ASP A 82 -14.89 10.48 13.07
N VAL A 83 -14.67 9.70 11.99
CA VAL A 83 -13.43 9.79 11.21
C VAL A 83 -13.35 11.17 10.53
N MET A 84 -14.48 11.67 10.00
CA MET A 84 -14.46 12.97 9.35
C MET A 84 -14.17 14.08 10.36
N LEU A 85 -14.71 13.91 11.57
CA LEU A 85 -14.46 14.83 12.68
C LEU A 85 -12.98 14.85 13.05
N LEU A 86 -12.37 13.67 13.22
CA LEU A 86 -10.94 13.58 13.43
C LEU A 86 -10.17 14.42 12.40
N CYS A 87 -10.50 14.22 11.11
CA CYS A 87 -9.77 14.89 10.04
C CYS A 87 -10.07 16.39 10.06
N HIS A 88 -11.35 16.74 10.35
CA HIS A 88 -11.76 18.13 10.42
C HIS A 88 -10.95 18.83 11.52
N ASN A 89 -10.81 18.16 12.66
CA ASN A 89 -10.10 18.73 13.78
C ASN A 89 -8.65 18.99 13.41
N ALA A 90 -8.01 18.03 12.74
CA ALA A 90 -6.64 18.17 12.26
C ALA A 90 -6.49 19.41 11.38
N GLN A 91 -7.47 19.60 10.49
CA GLN A 91 -7.42 20.71 9.56
C GLN A 91 -7.79 22.03 10.25
N THR A 92 -8.51 21.95 11.38
CA THR A 92 -8.83 23.11 12.19
C THR A 92 -7.59 23.57 12.94
N PHE A 93 -6.90 22.65 13.63
CA PHE A 93 -5.82 23.03 14.53
C PHE A 93 -4.51 23.32 13.79
N ASN A 94 -4.24 22.58 12.74
CA ASN A 94 -2.96 22.57 12.05
C ASN A 94 -3.02 23.45 10.82
N LEU A 95 -1.87 23.99 10.38
CA LEU A 95 -1.84 24.92 9.26
C LEU A 95 -2.02 24.20 7.92
N GLU A 96 -2.70 24.86 6.97
CA GLU A 96 -2.83 24.37 5.61
C GLU A 96 -1.41 24.11 5.10
N GLY A 97 -1.16 22.97 4.45
CA GLY A 97 0.17 22.73 3.93
C GLY A 97 1.09 22.02 4.92
N SER A 98 0.74 21.98 6.22
CA SER A 98 1.52 21.18 7.15
C SER A 98 1.33 19.69 6.84
N GLN A 99 2.30 18.87 7.26
CA GLN A 99 2.28 17.44 7.01
C GLN A 99 1.01 16.84 7.62
N ILE A 100 0.73 17.20 8.89
CA ILE A 100 -0.49 16.71 9.55
C ILE A 100 -1.75 17.10 8.78
N TYR A 101 -1.88 18.35 8.37
CA TYR A 101 -3.08 18.76 7.64
C TYR A 101 -3.25 17.94 6.36
N GLU A 102 -2.16 17.80 5.59
CA GLU A 102 -2.18 17.10 4.31
C GLU A 102 -2.50 15.62 4.54
N ASP A 103 -1.86 15.02 5.55
CA ASP A 103 -2.10 13.63 5.88
C ASP A 103 -3.59 13.37 6.18
N SER A 104 -4.25 14.32 6.83
CA SER A 104 -5.63 14.14 7.25
C SER A 104 -6.55 14.08 6.03
N ILE A 105 -6.21 14.83 4.98
CA ILE A 105 -6.96 14.82 3.74
C ILE A 105 -6.80 13.45 3.08
N VAL A 106 -5.60 12.88 3.12
CA VAL A 106 -5.41 11.57 2.52
C VAL A 106 -6.24 10.53 3.28
N LEU A 107 -6.18 10.59 4.62
CA LEU A 107 -6.84 9.59 5.43
C LEU A 107 -8.36 9.63 5.20
N GLN A 108 -8.94 10.81 4.92
CA GLN A 108 -10.37 10.89 4.62
C GLN A 108 -10.72 10.06 3.38
N SER A 109 -9.84 10.18 2.38
CA SER A 109 -9.97 9.47 1.12
C SER A 109 -9.77 7.97 1.31
N VAL A 110 -8.82 7.60 2.17
CA VAL A 110 -8.50 6.20 2.40
C VAL A 110 -9.71 5.56 3.10
N PHE A 111 -10.30 6.30 4.03
CA PHE A 111 -11.49 5.86 4.73
C PHE A 111 -12.63 5.60 3.74
N LYS A 112 -12.87 6.54 2.81
CA LYS A 112 -14.00 6.42 1.90
C LYS A 112 -13.80 5.25 0.93
N SER A 113 -12.57 5.02 0.51
CA SER A 113 -12.24 3.86 -0.31
C SER A 113 -12.47 2.55 0.45
N ALA A 114 -12.00 2.50 1.70
CA ALA A 114 -12.08 1.30 2.50
C ALA A 114 -13.54 0.94 2.76
N ARG A 115 -14.36 1.96 3.04
CA ARG A 115 -15.79 1.74 3.24
C ARG A 115 -16.44 1.15 1.99
N GLN A 116 -16.06 1.64 0.81
CA GLN A 116 -16.62 1.16 -0.44
C GLN A 116 -16.23 -0.29 -0.71
N LYS A 117 -14.95 -0.62 -0.51
CA LYS A 117 -14.44 -1.96 -0.78
C LYS A 117 -15.00 -2.97 0.22
N ILE A 118 -15.02 -2.61 1.52
CA ILE A 118 -15.26 -3.60 2.57
C ILE A 118 -16.76 -3.79 2.77
N ALA A 119 -17.55 -2.71 2.64
CA ALA A 119 -18.99 -2.82 2.84
C ALA A 119 -19.72 -3.02 1.51
N LYS A 120 -19.13 -2.59 0.38
CA LYS A 120 -19.71 -2.80 -0.93
C LYS A 120 -21.17 -2.32 -0.96
N GLU A 121 -21.43 -1.12 -0.44
CA GLU A 121 -22.78 -0.59 -0.32
C GLU A 121 -23.25 0.01 -1.65
N GLU A 122 -22.36 0.80 -2.27
CA GLU A 122 -22.59 1.43 -3.56
C GLU A 122 -23.81 2.39 -3.48
N LEU B 6 -4.62 -16.41 20.87
CA LEU B 6 -4.50 -16.71 19.42
C LEU B 6 -4.19 -18.19 19.24
N SER B 7 -4.41 -18.67 18.02
CA SER B 7 -4.24 -20.06 17.67
C SER B 7 -2.99 -20.20 16.78
N PRO B 8 -2.53 -21.43 16.45
CA PRO B 8 -1.35 -21.58 15.60
C PRO B 8 -1.44 -20.83 14.26
N ASN B 9 -0.29 -20.43 13.69
CA ASN B 9 -0.30 -19.86 12.35
C ASN B 9 -0.97 -20.86 11.41
N PRO B 10 -1.74 -20.43 10.37
CA PRO B 10 -2.24 -21.38 9.36
C PRO B 10 -1.08 -22.18 8.78
N PRO B 11 -1.19 -23.51 8.57
CA PRO B 11 -0.08 -24.28 8.01
C PRO B 11 0.43 -23.72 6.68
N LYS B 12 -0.42 -23.02 5.94
CA LYS B 12 0.01 -22.42 4.69
C LYS B 12 1.12 -21.40 4.98
N LEU B 13 0.93 -20.55 6.00
CA LEU B 13 1.90 -19.51 6.32
C LEU B 13 3.21 -20.14 6.77
N THR B 14 3.12 -21.11 7.66
CA THR B 14 4.31 -21.78 8.14
C THR B 14 5.14 -22.29 6.97
N LYS B 15 4.53 -23.01 6.01
CA LYS B 15 5.31 -23.60 4.92
C LYS B 15 5.87 -22.50 4.00
N GLN B 16 5.07 -21.46 3.75
CA GLN B 16 5.50 -20.34 2.94
C GLN B 16 6.77 -19.73 3.54
N MET B 17 6.78 -19.53 4.85
CA MET B 17 7.87 -18.83 5.49
C MET B 17 9.15 -19.65 5.40
N ASN B 18 9.04 -20.97 5.56
CA ASN B 18 10.19 -21.86 5.43
C ASN B 18 10.71 -21.83 4.01
N ALA B 19 9.80 -21.89 3.04
CA ALA B 19 10.18 -21.85 1.64
C ALA B 19 10.92 -20.54 1.31
N ILE B 20 10.37 -19.41 1.75
CA ILE B 20 10.95 -18.11 1.41
C ILE B 20 12.35 -17.99 2.00
N ILE B 21 12.51 -18.29 3.29
CA ILE B 21 13.80 -18.10 3.94
C ILE B 21 14.84 -19.04 3.34
N ASP B 22 14.45 -20.30 3.04
CA ASP B 22 15.32 -21.27 2.40
C ASP B 22 15.84 -20.76 1.06
N THR B 23 14.99 -20.05 0.30
CA THR B 23 15.40 -19.53 -1.00
C THR B 23 16.49 -18.47 -0.85
N VAL B 24 16.32 -17.62 0.16
CA VAL B 24 17.28 -16.57 0.45
C VAL B 24 18.60 -17.16 0.93
N ILE B 25 18.54 -18.11 1.88
CA ILE B 25 19.73 -18.69 2.48
C ILE B 25 20.51 -19.47 1.44
N ASN B 26 19.80 -20.21 0.58
CA ASN B 26 20.42 -21.12 -0.36
C ASN B 26 20.78 -20.45 -1.70
N TYR B 27 20.41 -19.18 -1.85
CA TYR B 27 20.69 -18.44 -3.08
C TYR B 27 22.20 -18.37 -3.37
N LYS B 28 22.52 -18.66 -4.63
CA LYS B 28 23.87 -18.59 -5.16
C LYS B 28 23.90 -17.65 -6.35
N ASP B 29 24.96 -16.85 -6.41
CA ASP B 29 25.15 -15.93 -7.51
C ASP B 29 25.69 -16.70 -8.71
N SER B 30 26.05 -15.94 -9.75
CA SER B 30 26.48 -16.54 -11.00
C SER B 30 27.79 -17.31 -10.83
N SER B 31 28.58 -16.99 -9.78
CA SER B 31 29.81 -17.69 -9.48
C SER B 31 29.56 -18.95 -8.67
N GLY B 32 28.31 -19.14 -8.26
CA GLY B 32 27.92 -20.25 -7.40
C GLY B 32 28.17 -19.98 -5.92
N ARG B 33 28.50 -18.73 -5.56
CA ARG B 33 28.72 -18.36 -4.17
C ARG B 33 27.40 -18.16 -3.42
N GLN B 34 27.32 -18.73 -2.21
CA GLN B 34 26.16 -18.59 -1.37
C GLN B 34 26.23 -17.28 -0.58
N LEU B 35 25.45 -16.30 -1.04
CA LEU B 35 25.56 -14.94 -0.54
C LEU B 35 25.23 -14.84 0.95
N SER B 36 24.40 -15.74 1.48
CA SER B 36 23.92 -15.61 2.84
C SER B 36 25.00 -15.89 3.88
N GLU B 37 26.07 -16.60 3.47
CA GLU B 37 26.98 -17.23 4.41
C GLU B 37 27.47 -16.29 5.50
N VAL B 38 28.02 -15.13 5.19
CA VAL B 38 28.52 -14.26 6.26
C VAL B 38 27.39 -13.71 7.15
N PHE B 39 26.15 -13.69 6.65
CA PHE B 39 25.03 -13.10 7.40
C PHE B 39 24.30 -14.09 8.31
N ILE B 40 24.71 -15.35 8.35
CA ILE B 40 24.03 -16.33 9.17
C ILE B 40 24.25 -15.97 10.65
N GLN B 41 25.46 -15.49 10.97
CA GLN B 41 25.76 -15.21 12.35
C GLN B 41 26.43 -13.85 12.47
N LEU B 42 25.97 -13.09 13.45
CA LEU B 42 26.51 -11.79 13.82
C LEU B 42 27.98 -11.98 14.24
N PRO B 43 28.80 -10.94 14.15
CA PRO B 43 30.16 -11.01 14.69
C PRO B 43 30.10 -10.92 16.22
N SER B 44 31.06 -11.50 16.93
CA SER B 44 31.05 -11.44 18.39
C SER B 44 31.12 -9.97 18.85
N ARG B 45 30.48 -9.67 19.99
CA ARG B 45 30.56 -8.34 20.59
C ARG B 45 31.99 -8.10 21.04
N LYS B 46 32.64 -9.18 21.50
CA LYS B 46 34.00 -9.07 22.03
C LYS B 46 35.01 -8.61 20.99
N GLU B 47 35.03 -9.21 19.79
CA GLU B 47 36.04 -8.86 18.81
C GLU B 47 35.56 -7.78 17.82
N LEU B 48 34.27 -7.48 17.76
CA LEU B 48 33.83 -6.41 16.87
C LEU B 48 32.85 -5.49 17.59
N PRO B 49 33.31 -4.87 18.70
CA PRO B 49 32.49 -3.95 19.47
C PRO B 49 31.96 -2.78 18.65
N GLU B 50 32.75 -2.31 17.66
CA GLU B 50 32.32 -1.21 16.81
C GLU B 50 31.05 -1.56 16.02
N TYR B 51 30.81 -2.83 15.70
CA TYR B 51 29.57 -3.22 15.04
C TYR B 51 28.37 -2.80 15.91
N TYR B 52 28.44 -3.14 17.20
CA TYR B 52 27.33 -2.91 18.10
C TYR B 52 27.26 -1.45 18.55
N GLU B 53 28.35 -0.71 18.37
CA GLU B 53 28.34 0.71 18.67
C GLU B 53 27.48 1.41 17.63
N LEU B 54 27.57 0.99 16.35
CA LEU B 54 26.84 1.66 15.29
C LEU B 54 25.47 1.04 15.03
N ILE B 55 25.35 -0.28 15.19
CA ILE B 55 24.13 -0.99 14.84
C ILE B 55 23.33 -1.26 16.13
N ARG B 56 22.19 -0.60 16.28
CA ARG B 56 21.52 -0.62 17.57
C ARG B 56 20.45 -1.71 17.62
N LYS B 57 20.05 -2.27 16.46
CA LYS B 57 19.14 -3.41 16.43
C LYS B 57 19.74 -4.56 15.61
N PRO B 58 20.78 -5.23 16.12
CA PRO B 58 21.47 -6.28 15.34
C PRO B 58 20.59 -7.51 15.12
N VAL B 59 20.79 -8.18 13.98
CA VAL B 59 20.03 -9.38 13.64
C VAL B 59 20.80 -10.14 12.55
N ASP B 60 20.63 -11.48 12.56
CA ASP B 60 21.30 -12.39 11.63
C ASP B 60 20.28 -13.41 11.17
N PHE B 61 20.66 -14.25 10.20
CA PHE B 61 19.70 -15.19 9.67
C PHE B 61 19.43 -16.30 10.69
N LYS B 62 20.39 -16.60 11.57
CA LYS B 62 20.16 -17.56 12.64
C LYS B 62 19.01 -17.08 13.53
N LYS B 63 18.97 -15.78 13.84
CA LYS B 63 17.90 -15.22 14.66
C LYS B 63 16.55 -15.28 13.93
N ILE B 64 16.55 -14.90 12.65
CA ILE B 64 15.33 -14.95 11.85
C ILE B 64 14.82 -16.40 11.80
N LYS B 65 15.74 -17.36 11.64
CA LYS B 65 15.32 -18.76 11.63
C LYS B 65 14.73 -19.21 12.97
N GLU B 66 15.25 -18.73 14.10
CA GLU B 66 14.68 -18.99 15.43
C GLU B 66 13.26 -18.42 15.55
N ARG B 67 13.06 -17.21 15.05
CA ARG B 67 11.75 -16.59 15.08
C ARG B 67 10.76 -17.39 14.23
N ILE B 68 11.19 -17.89 13.08
CA ILE B 68 10.34 -18.74 12.27
C ILE B 68 10.04 -20.05 12.99
N ARG B 69 11.08 -20.74 13.47
CA ARG B 69 10.92 -22.03 14.16
C ARG B 69 9.93 -21.91 15.31
N ASN B 70 9.99 -20.81 16.05
CA ASN B 70 9.24 -20.64 17.29
C ASN B 70 7.93 -19.89 17.05
N HIS B 71 7.54 -19.73 15.80
CA HIS B 71 6.23 -19.26 15.39
C HIS B 71 6.04 -17.78 15.73
N LYS B 72 7.12 -16.98 15.78
CA LYS B 72 7.00 -15.61 16.24
C LYS B 72 6.44 -14.68 15.16
N TYR B 73 6.67 -14.95 13.87
CA TYR B 73 6.12 -14.09 12.84
C TYR B 73 4.67 -14.49 12.54
N ARG B 74 3.76 -13.52 12.59
CA ARG B 74 2.34 -13.82 12.45
C ARG B 74 1.89 -13.55 11.02
N SER B 75 2.78 -12.99 10.20
CA SER B 75 2.49 -12.62 8.84
C SER B 75 3.77 -12.61 8.01
N LEU B 76 3.62 -12.72 6.71
CA LEU B 76 4.76 -12.51 5.83
C LEU B 76 5.42 -11.15 6.07
N GLY B 77 4.64 -10.13 6.39
CA GLY B 77 5.16 -8.78 6.52
C GLY B 77 6.07 -8.61 7.75
N ASP B 78 5.75 -9.31 8.85
CA ASP B 78 6.59 -9.33 10.04
C ASP B 78 7.94 -9.97 9.73
N LEU B 79 7.94 -10.99 8.88
CA LEU B 79 9.17 -11.66 8.51
C LEU B 79 10.02 -10.76 7.62
N GLU B 80 9.37 -10.13 6.63
CA GLU B 80 10.01 -9.17 5.76
C GLU B 80 10.71 -8.09 6.57
N LYS B 81 10.04 -7.59 7.60
CA LYS B 81 10.60 -6.54 8.44
C LYS B 81 11.99 -6.95 8.95
N ASP B 82 12.12 -8.17 9.47
CA ASP B 82 13.42 -8.59 10.01
C ASP B 82 14.43 -8.76 8.89
N VAL B 83 13.99 -9.29 7.74
CA VAL B 83 14.93 -9.56 6.65
C VAL B 83 15.43 -8.20 6.16
N MET B 84 14.55 -7.19 6.09
CA MET B 84 14.93 -5.87 5.59
C MET B 84 15.87 -5.17 6.59
N LEU B 85 15.67 -5.48 7.89
CA LEU B 85 16.50 -4.92 8.94
C LEU B 85 17.91 -5.45 8.79
N LEU B 86 18.03 -6.76 8.58
CA LEU B 86 19.33 -7.39 8.40
C LEU B 86 20.09 -6.69 7.29
N CYS B 87 19.44 -6.60 6.12
CA CYS B 87 20.01 -5.99 4.94
C CYS B 87 20.36 -4.51 5.19
N HIS B 88 19.47 -3.76 5.84
CA HIS B 88 19.71 -2.36 6.14
C HIS B 88 20.94 -2.22 7.07
N ASN B 89 21.05 -3.11 8.05
CA ASN B 89 22.20 -3.12 8.96
C ASN B 89 23.51 -3.37 8.20
N ALA B 90 23.52 -4.38 7.33
CA ALA B 90 24.68 -4.64 6.48
C ALA B 90 25.09 -3.39 5.70
N GLN B 91 24.10 -2.63 5.21
CA GLN B 91 24.35 -1.47 4.37
C GLN B 91 24.81 -0.27 5.19
N THR B 92 24.37 -0.23 6.46
CA THR B 92 24.74 0.81 7.42
C THR B 92 26.20 0.63 7.80
N PHE B 93 26.60 -0.60 8.15
CA PHE B 93 27.94 -0.86 8.68
C PHE B 93 29.01 -0.94 7.59
N ASN B 94 28.74 -1.63 6.48
CA ASN B 94 29.73 -1.90 5.45
C ASN B 94 29.69 -0.80 4.39
N LEU B 95 30.84 -0.54 3.77
CA LEU B 95 30.97 0.51 2.78
C LEU B 95 30.08 0.22 1.59
N GLU B 96 29.49 1.29 1.02
CA GLU B 96 28.84 1.24 -0.26
C GLU B 96 29.84 0.69 -1.27
N GLY B 97 29.40 -0.29 -2.06
CA GLY B 97 30.27 -0.89 -3.06
C GLY B 97 31.08 -2.06 -2.54
N SER B 98 31.11 -2.30 -1.23
CA SER B 98 31.79 -3.48 -0.71
C SER B 98 31.00 -4.72 -1.13
N GLN B 99 31.65 -5.89 -1.14
CA GLN B 99 30.99 -7.12 -1.52
C GLN B 99 29.78 -7.38 -0.61
N ILE B 100 29.96 -7.17 0.69
CA ILE B 100 28.93 -7.41 1.69
C ILE B 100 27.73 -6.48 1.47
N TYR B 101 28.00 -5.20 1.22
CA TYR B 101 26.94 -4.25 0.92
C TYR B 101 26.18 -4.71 -0.32
N GLU B 102 26.90 -5.07 -1.39
CA GLU B 102 26.29 -5.49 -2.64
C GLU B 102 25.52 -6.80 -2.47
N ASP B 103 26.10 -7.73 -1.72
CA ASP B 103 25.42 -8.99 -1.45
C ASP B 103 24.08 -8.76 -0.75
N SER B 104 24.03 -7.83 0.22
CA SER B 104 22.80 -7.56 0.95
C SER B 104 21.72 -7.00 0.04
N ILE B 105 22.09 -6.18 -0.95
CA ILE B 105 21.13 -5.66 -1.93
C ILE B 105 20.51 -6.85 -2.69
N VAL B 106 21.37 -7.81 -3.07
CA VAL B 106 20.88 -8.94 -3.83
C VAL B 106 19.91 -9.75 -2.95
N LEU B 107 20.23 -9.94 -1.68
CA LEU B 107 19.42 -10.78 -0.82
C LEU B 107 18.03 -10.20 -0.57
N GLN B 108 17.94 -8.86 -0.48
CA GLN B 108 16.66 -8.20 -0.30
C GLN B 108 15.78 -8.48 -1.52
N SER B 109 16.40 -8.34 -2.70
CA SER B 109 15.73 -8.61 -3.96
C SER B 109 15.25 -10.08 -4.04
N VAL B 110 16.12 -11.03 -3.67
CA VAL B 110 15.75 -12.44 -3.69
C VAL B 110 14.58 -12.66 -2.74
N PHE B 111 14.62 -11.99 -1.58
CA PHE B 111 13.55 -12.14 -0.60
C PHE B 111 12.22 -11.71 -1.23
N LYS B 112 12.19 -10.53 -1.84
CA LYS B 112 10.97 -9.99 -2.45
C LYS B 112 10.46 -10.91 -3.56
N SER B 113 11.36 -11.38 -4.41
CA SER B 113 11.04 -12.37 -5.44
C SER B 113 10.48 -13.66 -4.85
N ALA B 114 11.12 -14.22 -3.82
CA ALA B 114 10.67 -15.50 -3.29
C ALA B 114 9.29 -15.36 -2.64
N ARG B 115 8.99 -14.18 -2.07
CA ARG B 115 7.69 -13.96 -1.44
C ARG B 115 6.59 -13.96 -2.50
N GLN B 116 6.85 -13.26 -3.61
CA GLN B 116 5.99 -13.23 -4.79
C GLN B 116 5.73 -14.62 -5.37
N LYS B 117 6.80 -15.33 -5.77
CA LYS B 117 6.67 -16.69 -6.29
C LYS B 117 5.90 -17.58 -5.30
N ILE B 118 6.32 -17.60 -4.02
CA ILE B 118 5.80 -18.60 -3.08
C ILE B 118 4.40 -18.21 -2.58
N ALA B 119 4.18 -16.95 -2.22
CA ALA B 119 2.86 -16.57 -1.74
C ALA B 119 1.95 -16.11 -2.88
N LYS B 120 2.48 -15.96 -4.10
CA LYS B 120 1.63 -15.61 -5.22
C LYS B 120 0.80 -14.37 -4.84
N LYS C 5 -4.98 -22.94 -24.91
CA LYS C 5 -3.70 -23.56 -24.46
C LYS C 5 -2.92 -22.62 -23.52
N LEU C 6 -3.62 -21.69 -22.87
CA LEU C 6 -3.00 -20.68 -22.02
C LEU C 6 -2.73 -21.28 -20.63
N SER C 7 -1.57 -20.94 -20.08
CA SER C 7 -1.32 -21.14 -18.66
C SER C 7 -1.53 -19.82 -17.93
N PRO C 8 -1.80 -19.83 -16.61
CA PRO C 8 -2.19 -18.60 -15.91
C PRO C 8 -1.12 -17.51 -16.01
N ASN C 9 -1.55 -16.24 -16.07
CA ASN C 9 -0.62 -15.13 -15.88
C ASN C 9 0.17 -15.38 -14.61
N PRO C 10 1.51 -15.18 -14.61
CA PRO C 10 2.28 -15.18 -13.36
C PRO C 10 1.62 -14.18 -12.41
N PRO C 11 1.39 -14.54 -11.12
CA PRO C 11 0.91 -13.56 -10.15
C PRO C 11 1.73 -12.27 -10.11
N LYS C 12 3.03 -12.42 -10.40
CA LYS C 12 3.95 -11.30 -10.50
C LYS C 12 3.47 -10.27 -11.53
N LEU C 13 2.99 -10.74 -12.68
CA LEU C 13 2.47 -9.86 -13.73
C LEU C 13 1.23 -9.14 -13.23
N THR C 14 0.36 -9.88 -12.56
CA THR C 14 -0.88 -9.32 -12.05
C THR C 14 -0.58 -8.27 -10.98
N LYS C 15 0.43 -8.51 -10.13
CA LYS C 15 0.78 -7.54 -9.10
C LYS C 15 1.29 -6.26 -9.75
N GLN C 16 2.05 -6.41 -10.84
CA GLN C 16 2.59 -5.27 -11.55
C GLN C 16 1.47 -4.46 -12.18
N MET C 17 0.52 -5.13 -12.84
CA MET C 17 -0.58 -4.42 -13.49
C MET C 17 -1.35 -3.59 -12.46
N ASN C 18 -1.60 -4.17 -11.28
CA ASN C 18 -2.36 -3.48 -10.23
C ASN C 18 -1.61 -2.29 -9.65
N ALA C 19 -0.31 -2.43 -9.41
CA ALA C 19 0.48 -1.31 -8.91
C ALA C 19 0.50 -0.19 -9.96
N ILE C 20 0.64 -0.55 -11.25
CA ILE C 20 0.74 0.46 -12.30
C ILE C 20 -0.58 1.23 -12.36
N ILE C 21 -1.69 0.50 -12.44
CA ILE C 21 -2.98 1.18 -12.60
C ILE C 21 -3.36 1.93 -11.31
N ASP C 22 -3.00 1.40 -10.12
CA ASP C 22 -3.27 2.08 -8.85
C ASP C 22 -2.51 3.40 -8.81
N THR C 23 -1.32 3.44 -9.41
CA THR C 23 -0.54 4.66 -9.47
C THR C 23 -1.29 5.71 -10.27
N VAL C 24 -1.83 5.30 -11.44
CA VAL C 24 -2.55 6.21 -12.32
C VAL C 24 -3.83 6.73 -11.62
N ILE C 25 -4.59 5.80 -11.02
CA ILE C 25 -5.88 6.14 -10.40
C ILE C 25 -5.66 7.04 -9.17
N ASN C 26 -4.59 6.79 -8.39
CA ASN C 26 -4.32 7.51 -7.16
C ASN C 26 -3.61 8.84 -7.41
N TYR C 27 -3.09 9.05 -8.62
CA TYR C 27 -2.30 10.23 -8.89
C TYR C 27 -3.09 11.51 -8.61
N LYS C 28 -2.41 12.47 -7.99
CA LYS C 28 -3.00 13.79 -7.77
C LYS C 28 -2.03 14.84 -8.28
N ASP C 29 -2.57 15.92 -8.81
CA ASP C 29 -1.77 17.04 -9.31
C ASP C 29 -1.32 17.93 -8.14
N SER C 30 -0.69 19.06 -8.47
CA SER C 30 -0.15 19.97 -7.49
C SER C 30 -1.21 20.49 -6.54
N SER C 31 -2.48 20.54 -6.99
CA SER C 31 -3.55 21.07 -6.18
C SER C 31 -4.13 20.00 -5.26
N GLY C 32 -3.74 18.74 -5.44
CA GLY C 32 -4.34 17.65 -4.68
C GLY C 32 -5.55 17.05 -5.39
N ARG C 33 -5.76 17.37 -6.67
CA ARG C 33 -6.93 16.85 -7.36
C ARG C 33 -6.57 15.50 -7.96
N GLN C 34 -7.43 14.51 -7.71
CA GLN C 34 -7.23 13.20 -8.32
C GLN C 34 -7.74 13.19 -9.76
N LEU C 35 -6.81 13.27 -10.73
CA LEU C 35 -7.13 13.47 -12.15
C LEU C 35 -8.00 12.34 -12.70
N SER C 36 -7.93 11.15 -12.09
CA SER C 36 -8.63 9.99 -12.63
C SER C 36 -10.15 10.01 -12.38
N GLU C 37 -10.64 10.87 -11.50
CA GLU C 37 -11.97 10.66 -10.92
C GLU C 37 -13.06 10.55 -11.99
N VAL C 38 -13.11 11.47 -12.96
CA VAL C 38 -14.17 11.47 -13.95
C VAL C 38 -14.06 10.25 -14.88
N PHE C 39 -12.85 9.70 -15.00
CA PHE C 39 -12.57 8.62 -15.94
C PHE C 39 -12.89 7.23 -15.37
N ILE C 40 -13.27 7.12 -14.08
CA ILE C 40 -13.50 5.80 -13.50
C ILE C 40 -14.66 5.11 -14.20
N GLN C 41 -15.70 5.88 -14.51
CA GLN C 41 -16.91 5.33 -15.10
C GLN C 41 -17.40 6.22 -16.24
N LEU C 42 -17.70 5.54 -17.34
CA LEU C 42 -18.26 6.14 -18.54
C LEU C 42 -19.54 6.88 -18.19
N PRO C 43 -19.94 7.87 -19.02
CA PRO C 43 -21.26 8.48 -18.88
C PRO C 43 -22.25 7.43 -19.37
N SER C 44 -23.48 7.50 -18.85
CA SER C 44 -24.53 6.56 -19.22
C SER C 44 -24.95 6.87 -20.65
N ARG C 45 -25.37 5.82 -21.36
CA ARG C 45 -25.86 5.96 -22.71
C ARG C 45 -27.16 6.77 -22.75
N LYS C 46 -27.94 6.78 -21.64
CA LYS C 46 -29.19 7.52 -21.61
C LYS C 46 -28.91 9.01 -21.57
N GLU C 47 -27.95 9.46 -20.76
CA GLU C 47 -27.78 10.89 -20.49
C GLU C 47 -26.87 11.55 -21.53
N LEU C 48 -26.05 10.75 -22.21
CA LEU C 48 -24.99 11.33 -23.02
C LEU C 48 -24.82 10.44 -24.24
N PRO C 49 -25.89 10.32 -25.07
CA PRO C 49 -25.84 9.46 -26.25
C PRO C 49 -24.76 9.90 -27.23
N GLU C 50 -24.47 11.20 -27.24
CA GLU C 50 -23.54 11.72 -28.23
C GLU C 50 -22.13 11.16 -27.96
N TYR C 51 -21.84 10.76 -26.70
CA TYR C 51 -20.56 10.12 -26.38
C TYR C 51 -20.42 8.87 -27.26
N TYR C 52 -21.47 8.04 -27.27
CA TYR C 52 -21.45 6.73 -27.92
C TYR C 52 -21.59 6.83 -29.44
N GLU C 53 -22.12 7.95 -29.96
CA GLU C 53 -22.12 8.17 -31.40
C GLU C 53 -20.71 8.42 -31.93
N LEU C 54 -19.87 9.12 -31.15
CA LEU C 54 -18.55 9.51 -31.65
C LEU C 54 -17.47 8.48 -31.28
N ILE C 55 -17.58 7.88 -30.09
CA ILE C 55 -16.52 7.03 -29.55
C ILE C 55 -16.93 5.58 -29.78
N ARG C 56 -16.17 4.87 -30.63
CA ARG C 56 -16.57 3.58 -31.15
C ARG C 56 -16.20 2.47 -30.15
N LYS C 57 -15.13 2.68 -29.37
CA LYS C 57 -14.68 1.70 -28.40
C LYS C 57 -14.57 2.34 -27.02
N PRO C 58 -15.70 2.59 -26.32
CA PRO C 58 -15.69 3.28 -25.03
C PRO C 58 -14.98 2.40 -24.02
N VAL C 59 -14.29 3.03 -23.07
CA VAL C 59 -13.61 2.31 -22.02
C VAL C 59 -13.38 3.25 -20.85
N ASP C 60 -13.33 2.67 -19.64
CA ASP C 60 -13.15 3.43 -18.41
C ASP C 60 -12.20 2.64 -17.50
N PHE C 61 -11.77 3.26 -16.40
CA PHE C 61 -10.81 2.62 -15.53
C PHE C 61 -11.47 1.43 -14.83
N LYS C 62 -12.77 1.51 -14.58
CA LYS C 62 -13.49 0.39 -14.01
C LYS C 62 -13.35 -0.82 -14.93
N LYS C 63 -13.51 -0.61 -16.24
CA LYS C 63 -13.43 -1.70 -17.20
C LYS C 63 -12.01 -2.24 -17.27
N ILE C 64 -11.01 -1.36 -17.21
CA ILE C 64 -9.63 -1.80 -17.25
C ILE C 64 -9.29 -2.65 -16.03
N LYS C 65 -9.77 -2.24 -14.85
CA LYS C 65 -9.60 -3.00 -13.63
C LYS C 65 -10.27 -4.38 -13.72
N GLU C 66 -11.45 -4.47 -14.33
CA GLU C 66 -12.12 -5.74 -14.61
C GLU C 66 -11.24 -6.65 -15.47
N ARG C 67 -10.60 -6.07 -16.47
CA ARG C 67 -9.75 -6.84 -17.37
C ARG C 67 -8.47 -7.34 -16.70
N ILE C 68 -7.89 -6.55 -15.81
CA ILE C 68 -6.79 -7.03 -14.96
C ILE C 68 -7.31 -8.15 -14.04
N ARG C 69 -8.39 -7.84 -13.31
CA ARG C 69 -8.95 -8.75 -12.32
C ARG C 69 -9.20 -10.11 -12.94
N ASN C 70 -9.82 -10.13 -14.14
CA ASN C 70 -10.19 -11.36 -14.82
C ASN C 70 -9.11 -11.88 -15.78
N HIS C 71 -7.88 -11.33 -15.67
CA HIS C 71 -6.69 -11.88 -16.30
C HIS C 71 -6.73 -11.81 -17.82
N LYS C 72 -7.31 -10.73 -18.37
CA LYS C 72 -7.56 -10.65 -19.80
C LYS C 72 -6.32 -10.10 -20.50
N TYR C 73 -5.57 -9.23 -19.84
CA TYR C 73 -4.33 -8.72 -20.38
C TYR C 73 -3.23 -9.74 -20.11
N ARG C 74 -2.46 -10.10 -21.12
CA ARG C 74 -1.48 -11.16 -20.94
C ARG C 74 -0.07 -10.56 -20.91
N SER C 75 0.02 -9.24 -21.08
CA SER C 75 1.27 -8.50 -21.02
C SER C 75 0.97 -7.07 -20.57
N LEU C 76 2.00 -6.32 -20.18
CA LEU C 76 1.84 -4.91 -19.91
C LEU C 76 1.47 -4.13 -21.16
N GLY C 77 1.93 -4.58 -22.34
CA GLY C 77 1.50 -3.98 -23.60
C GLY C 77 -0.02 -4.00 -23.78
N ASP C 78 -0.66 -5.13 -23.49
CA ASP C 78 -2.10 -5.22 -23.65
C ASP C 78 -2.77 -4.18 -22.74
N LEU C 79 -2.29 -4.09 -21.49
CA LEU C 79 -2.84 -3.13 -20.55
C LEU C 79 -2.60 -1.71 -21.05
N GLU C 80 -1.37 -1.41 -21.48
CA GLU C 80 -1.05 -0.09 -21.99
C GLU C 80 -1.97 0.28 -23.14
N LYS C 81 -2.30 -0.65 -24.06
CA LYS C 81 -3.18 -0.33 -25.19
C LYS C 81 -4.54 0.25 -24.76
N ASP C 82 -5.11 -0.33 -23.69
CA ASP C 82 -6.42 0.11 -23.18
C ASP C 82 -6.32 1.45 -22.47
N VAL C 83 -5.24 1.67 -21.73
CA VAL C 83 -5.05 2.95 -21.08
C VAL C 83 -4.88 4.03 -22.16
N MET C 84 -4.19 3.72 -23.25
CA MET C 84 -3.97 4.68 -24.33
C MET C 84 -5.27 4.98 -25.06
N LEU C 85 -6.10 3.95 -25.21
CA LEU C 85 -7.44 4.06 -25.79
C LEU C 85 -8.32 5.00 -24.98
N LEU C 86 -8.35 4.85 -23.65
CA LEU C 86 -9.16 5.69 -22.77
C LEU C 86 -8.77 7.15 -22.97
N CYS C 87 -7.46 7.42 -22.98
CA CYS C 87 -6.92 8.77 -23.09
C CYS C 87 -7.24 9.33 -24.49
N HIS C 88 -7.05 8.49 -25.52
CA HIS C 88 -7.40 8.85 -26.87
C HIS C 88 -8.88 9.21 -26.98
N ASN C 89 -9.76 8.42 -26.37
CA ASN C 89 -11.20 8.69 -26.40
C ASN C 89 -11.51 10.04 -25.77
N ALA C 90 -10.90 10.30 -24.61
CA ALA C 90 -11.03 11.56 -23.89
C ALA C 90 -10.64 12.73 -24.80
N GLN C 91 -9.55 12.56 -25.55
CA GLN C 91 -9.03 13.64 -26.36
C GLN C 91 -9.82 13.77 -27.66
N THR C 92 -10.48 12.68 -28.09
CA THR C 92 -11.40 12.72 -29.21
C THR C 92 -12.65 13.52 -28.82
N PHE C 93 -13.29 13.20 -27.71
CA PHE C 93 -14.63 13.72 -27.43
C PHE C 93 -14.55 15.14 -26.86
N ASN C 94 -13.57 15.39 -25.99
CA ASN C 94 -13.47 16.62 -25.23
C ASN C 94 -12.61 17.61 -26.01
N LEU C 95 -12.87 18.90 -25.81
CA LEU C 95 -12.22 19.94 -26.57
C LEU C 95 -10.74 19.98 -26.20
N GLU C 96 -9.90 20.23 -27.21
CA GLU C 96 -8.49 20.48 -26.96
C GLU C 96 -8.43 21.60 -25.93
N GLY C 97 -7.55 21.46 -24.93
CA GLY C 97 -7.35 22.52 -23.94
C GLY C 97 -8.38 22.49 -22.81
N SER C 98 -9.46 21.70 -22.92
CA SER C 98 -10.35 21.47 -21.80
C SER C 98 -9.58 20.76 -20.69
N GLN C 99 -10.06 20.86 -19.44
CA GLN C 99 -9.36 20.25 -18.32
C GLN C 99 -9.32 18.72 -18.50
N ILE C 100 -10.42 18.15 -19.01
CA ILE C 100 -10.50 16.71 -19.18
C ILE C 100 -9.47 16.26 -20.22
N TYR C 101 -9.39 16.97 -21.35
CA TYR C 101 -8.36 16.72 -22.36
C TYR C 101 -6.96 16.76 -21.73
N GLU C 102 -6.67 17.83 -20.98
CA GLU C 102 -5.36 18.04 -20.38
C GLU C 102 -5.07 16.97 -19.31
N ASP C 103 -6.08 16.65 -18.51
CA ASP C 103 -5.95 15.59 -17.51
C ASP C 103 -5.52 14.27 -18.16
N SER C 104 -6.10 13.95 -19.33
CA SER C 104 -5.84 12.68 -20.02
C SER C 104 -4.39 12.57 -20.50
N ILE C 105 -3.81 13.71 -20.94
CA ILE C 105 -2.39 13.80 -21.28
C ILE C 105 -1.52 13.40 -20.10
N VAL C 106 -1.79 13.99 -18.93
CA VAL C 106 -1.01 13.70 -17.75
C VAL C 106 -1.15 12.23 -17.37
N LEU C 107 -2.37 11.70 -17.37
CA LEU C 107 -2.56 10.31 -16.98
C LEU C 107 -1.80 9.34 -17.89
N GLN C 108 -1.69 9.64 -19.19
CA GLN C 108 -0.88 8.80 -20.07
C GLN C 108 0.57 8.78 -19.59
N SER C 109 1.08 9.96 -19.26
CA SER C 109 2.48 10.13 -18.89
C SER C 109 2.76 9.41 -17.58
N VAL C 110 1.82 9.49 -16.65
CA VAL C 110 1.92 8.79 -15.37
C VAL C 110 1.94 7.27 -15.60
N PHE C 111 1.07 6.77 -16.51
CA PHE C 111 1.06 5.37 -16.86
C PHE C 111 2.45 4.92 -17.33
N LYS C 112 3.03 5.70 -18.23
CA LYS C 112 4.31 5.42 -18.85
C LYS C 112 5.43 5.38 -17.81
N SER C 113 5.42 6.37 -16.90
CA SER C 113 6.39 6.46 -15.81
C SER C 113 6.27 5.27 -14.87
N ALA C 114 5.03 5.00 -14.47
CA ALA C 114 4.76 3.94 -13.50
C ALA C 114 5.20 2.60 -14.07
N ARG C 115 4.95 2.38 -15.36
CA ARG C 115 5.34 1.14 -16.01
C ARG C 115 6.86 1.00 -15.98
N GLN C 116 7.57 2.06 -16.34
CA GLN C 116 9.03 2.00 -16.33
C GLN C 116 9.57 1.74 -14.93
N LYS C 117 9.07 2.50 -13.95
CA LYS C 117 9.58 2.40 -12.58
C LYS C 117 9.29 1.02 -12.01
N ILE C 118 8.05 0.53 -12.22
CA ILE C 118 7.63 -0.70 -11.57
C ILE C 118 8.11 -1.92 -12.35
N ALA C 119 8.11 -1.86 -13.68
CA ALA C 119 8.20 -3.10 -14.43
C ALA C 119 9.30 -3.06 -15.49
N LYS C 120 9.85 -1.87 -15.75
CA LYS C 120 11.12 -1.71 -16.43
C LYS C 120 11.06 -2.32 -17.83
N GLU C 121 11.42 -3.61 -17.96
CA GLU C 121 11.70 -4.21 -19.25
C GLU C 121 10.68 -5.30 -19.64
N GLU C 122 9.66 -5.47 -18.81
CA GLU C 122 8.66 -6.51 -19.02
C GLU C 122 7.83 -6.15 -20.26
N GLU C 123 7.38 -7.15 -21.00
CA GLU C 123 6.52 -6.92 -22.15
C GLU C 123 5.06 -6.66 -21.73
#